data_6DCC
#
_entry.id   6DCC
#
_cell.length_a   119.690
_cell.length_b   119.690
_cell.length_c   77.820
_cell.angle_alpha   90.000
_cell.angle_beta   90.000
_cell.angle_gamma   120.000
#
_symmetry.space_group_name_H-M   'P 63'
#
loop_
_entity.id
_entity.type
_entity.pdbx_description
1 polymer '7SK snRNA methylphosphate capping enzyme'
2 polymer 'human 7SK RNA stem-loop 1 proximal methylated'
3 non-polymer S-ADENOSYL-L-HOMOCYSTEINE
4 non-polymer 'SULFATE ION'
5 water water
#
loop_
_entity_poly.entity_id
_entity_poly.type
_entity_poly.pdbx_seq_one_letter_code
_entity_poly.pdbx_strand_id
1 'polypeptide(L)'
;MGSSHHHHHHSSGLVPRGSPLPAAGFKKQQRKFQYGNYCKYYGYRNPSCEDGRLRVLKPEWFRGRDVLDLGCNVGHLTLS
IACKWGPSRMVGLDIDSRLIHSARQNIRHYLSEELRLPPQTLEGDPGAEGEEGTTTVRKRSCFPASLTASRGPIAAPQVP
LDGADTSVFPNNVVFVTGNYVLDRDDLVEAQTPEYDVVLCLSLTKWVHLNWGDEGLKRMFRRIYRHLRPGGILVLEPQPW
SSYGKRKTLTETIYKNYYRIQLKPEQFSSYLTSPDVGFSSYELVATPHNTSKGFQRPVYLFHKARSPSH
;
A
2 'polyribonucleotide' (G5J)GAUGUGAGGCUUCGGCCUCACCGCUCCAUGUGCGA B
#
# COMPACT_ATOMS: atom_id res chain seq x y z
N LYS A 32 19.64 0.87 -9.74
CA LYS A 32 18.95 -0.17 -8.97
C LYS A 32 17.97 0.44 -7.97
N PHE A 33 16.76 -0.10 -7.96
CA PHE A 33 15.67 0.43 -7.15
C PHE A 33 15.22 -0.70 -6.23
N GLN A 34 16.05 -0.97 -5.22
CA GLN A 34 15.89 -2.15 -4.41
C GLN A 34 14.63 -2.14 -3.54
N TYR A 35 13.97 -0.98 -3.40
CA TYR A 35 12.71 -0.91 -2.67
C TYR A 35 11.50 -0.81 -3.59
N GLY A 36 11.68 -0.99 -4.90
CA GLY A 36 10.62 -0.63 -5.81
C GLY A 36 10.42 0.86 -5.94
N ASN A 37 11.40 1.65 -5.49
CA ASN A 37 11.35 3.10 -5.51
C ASN A 37 11.71 3.65 -6.89
N TYR A 38 11.02 3.16 -7.93
CA TYR A 38 11.26 3.63 -9.29
C TYR A 38 10.94 5.11 -9.41
N CYS A 39 11.82 5.87 -10.02
CA CYS A 39 11.58 7.30 -10.18
C CYS A 39 10.79 7.66 -11.44
N LYS A 40 10.47 6.67 -12.30
CA LYS A 40 9.65 6.86 -13.50
C LYS A 40 8.56 5.80 -13.57
N TYR A 41 8.01 5.46 -12.41
CA TYR A 41 7.12 4.30 -12.25
C TYR A 41 5.85 4.46 -13.07
N TYR A 42 5.14 5.58 -12.92
CA TYR A 42 3.84 5.67 -13.56
C TYR A 42 3.98 5.83 -15.07
N GLY A 43 5.14 6.28 -15.53
CA GLY A 43 5.37 6.34 -16.97
C GLY A 43 5.24 4.99 -17.66
N TYR A 44 5.54 3.90 -16.97
CA TYR A 44 5.35 2.60 -17.59
C TYR A 44 4.19 1.79 -17.02
N ARG A 45 3.78 2.06 -15.79
CA ARG A 45 2.57 1.42 -15.29
C ARG A 45 1.33 1.96 -16.00
N ASN A 46 1.23 3.29 -16.15
CA ASN A 46 0.08 3.95 -16.77
C ASN A 46 0.55 4.81 -17.94
N PRO A 47 0.99 4.19 -19.04
CA PRO A 47 1.44 5.01 -20.19
C PRO A 47 0.33 5.90 -20.74
N SER A 48 -0.88 5.33 -20.87
CA SER A 48 -2.12 6.07 -21.08
C SER A 48 -2.23 7.34 -20.24
N CYS A 49 -1.77 7.26 -18.99
CA CYS A 49 -1.97 8.21 -17.86
C CYS A 49 -3.29 7.95 -17.16
N GLU A 50 -3.99 6.86 -17.48
CA GLU A 50 -5.27 6.52 -16.85
C GLU A 50 -5.09 5.26 -15.99
N ASP A 51 -5.09 5.42 -14.67
CA ASP A 51 -4.87 4.29 -13.77
C ASP A 51 -6.16 3.48 -13.67
N GLY A 52 -6.14 2.26 -14.19
CA GLY A 52 -7.31 1.40 -14.16
C GLY A 52 -7.83 1.09 -12.76
N ARG A 53 -7.00 1.26 -11.73
CA ARG A 53 -7.46 1.01 -10.37
C ARG A 53 -8.53 2.00 -9.92
N LEU A 54 -8.56 3.20 -10.52
CA LEU A 54 -9.56 4.20 -10.19
C LEU A 54 -10.98 3.77 -10.60
N ARG A 55 -11.11 2.81 -11.52
CA ARG A 55 -12.40 2.22 -11.85
C ARG A 55 -12.79 1.10 -10.90
N VAL A 56 -11.89 0.70 -10.01
CA VAL A 56 -12.13 -0.40 -9.09
C VAL A 56 -12.28 0.09 -7.66
N LEU A 57 -11.44 1.04 -7.23
CA LEU A 57 -11.63 1.64 -5.92
C LEU A 57 -12.92 2.43 -5.89
N LYS A 58 -13.62 2.39 -4.74
CA LYS A 58 -14.93 3.05 -4.71
C LYS A 58 -14.83 4.39 -4.02
N PRO A 59 -15.43 5.45 -4.58
CA PRO A 59 -15.34 6.78 -3.95
C PRO A 59 -15.84 6.81 -2.52
N GLU A 60 -16.93 6.08 -2.23
CA GLU A 60 -17.48 6.03 -0.88
C GLU A 60 -16.49 5.50 0.14
N TRP A 61 -15.46 4.75 -0.30
CA TRP A 61 -14.45 4.28 0.64
C TRP A 61 -13.64 5.43 1.22
N PHE A 62 -13.54 6.56 0.53
CA PHE A 62 -12.61 7.61 0.89
C PHE A 62 -13.27 8.90 1.33
N ARG A 63 -14.47 9.19 0.83
CA ARG A 63 -15.06 10.52 1.00
C ARG A 63 -15.31 10.80 2.49
N GLY A 64 -14.72 11.89 2.98
CA GLY A 64 -14.81 12.26 4.37
C GLY A 64 -14.03 11.40 5.33
N ARG A 65 -13.12 10.56 4.86
CA ARG A 65 -12.40 9.61 5.69
C ARG A 65 -10.93 10.00 5.83
N ASP A 66 -10.28 9.46 6.87
CA ASP A 66 -8.84 9.61 7.03
C ASP A 66 -8.14 8.43 6.38
N VAL A 67 -7.25 8.72 5.44
CA VAL A 67 -6.65 7.70 4.56
C VAL A 67 -5.14 7.78 4.71
N LEU A 68 -4.50 6.61 4.84
CA LEU A 68 -3.06 6.45 4.77
C LEU A 68 -2.70 5.68 3.49
N ASP A 69 -1.83 6.25 2.65
CA ASP A 69 -1.37 5.60 1.41
C ASP A 69 0.08 5.15 1.55
N LEU A 70 0.29 3.84 1.71
CA LEU A 70 1.61 3.26 2.00
C LEU A 70 2.40 3.04 0.71
N GLY A 71 3.66 3.45 0.71
CA GLY A 71 4.48 3.38 -0.49
C GLY A 71 3.83 4.20 -1.60
N CYS A 72 3.69 5.51 -1.38
CA CYS A 72 2.93 6.32 -2.32
C CYS A 72 3.72 6.71 -3.58
N ASN A 73 5.03 6.46 -3.60
CA ASN A 73 5.91 6.77 -4.75
C ASN A 73 5.75 8.28 -5.03
N VAL A 74 5.64 8.70 -6.29
CA VAL A 74 5.52 10.13 -6.58
C VAL A 74 4.07 10.58 -6.46
N GLY A 75 3.19 9.71 -5.97
CA GLY A 75 1.88 10.15 -5.51
C GLY A 75 0.82 10.38 -6.56
N HIS A 76 1.00 9.90 -7.79
CA HIS A 76 -0.04 10.11 -8.79
C HIS A 76 -1.38 9.52 -8.34
N LEU A 77 -1.35 8.30 -7.79
CA LEU A 77 -2.61 7.69 -7.37
C LEU A 77 -3.14 8.36 -6.11
N THR A 78 -2.24 8.61 -5.15
CA THR A 78 -2.58 9.36 -3.95
C THR A 78 -3.31 10.65 -4.29
N LEU A 79 -2.74 11.42 -5.23
CA LEU A 79 -3.31 12.73 -5.53
C LEU A 79 -4.58 12.61 -6.36
N SER A 80 -4.69 11.58 -7.22
CA SER A 80 -5.95 11.34 -7.91
C SER A 80 -7.09 11.14 -6.91
N ILE A 81 -6.86 10.35 -5.86
CA ILE A 81 -7.91 10.11 -4.88
C ILE A 81 -8.18 11.39 -4.08
N ALA A 82 -7.13 12.08 -3.65
CA ALA A 82 -7.29 13.23 -2.77
C ALA A 82 -8.04 14.37 -3.45
N CYS A 83 -7.84 14.53 -4.77
CA CYS A 83 -8.43 15.69 -5.41
C CYS A 83 -9.83 15.44 -5.96
N LYS A 84 -10.22 14.18 -6.15
CA LYS A 84 -11.55 13.92 -6.69
C LYS A 84 -12.51 13.22 -5.73
N TRP A 85 -12.04 12.48 -4.73
CA TRP A 85 -12.95 11.73 -3.88
C TRP A 85 -13.04 12.30 -2.46
N GLY A 86 -12.55 13.52 -2.26
CA GLY A 86 -12.68 14.25 -1.02
C GLY A 86 -12.47 13.50 0.29
N PRO A 87 -11.32 12.87 0.48
CA PRO A 87 -10.98 12.40 1.83
C PRO A 87 -10.70 13.61 2.72
N SER A 88 -11.10 13.50 4.00
CA SER A 88 -10.81 14.59 4.93
C SER A 88 -9.30 14.71 5.20
N ARG A 89 -8.58 13.59 5.17
CA ARG A 89 -7.14 13.61 5.37
C ARG A 89 -6.55 12.47 4.57
N MET A 90 -5.52 12.79 3.78
CA MET A 90 -4.81 11.80 2.97
C MET A 90 -3.32 11.96 3.24
N VAL A 91 -2.69 10.89 3.72
CA VAL A 91 -1.27 10.88 4.06
C VAL A 91 -0.56 9.89 3.14
N GLY A 92 0.33 10.39 2.30
CA GLY A 92 1.19 9.54 1.48
C GLY A 92 2.52 9.33 2.17
N LEU A 93 2.90 8.06 2.32
CA LEU A 93 4.14 7.68 2.99
C LEU A 93 5.01 6.91 2.01
N ASP A 94 6.30 7.26 1.95
CA ASP A 94 7.23 6.51 1.13
C ASP A 94 8.59 6.53 1.80
N ILE A 95 9.32 5.42 1.65
CA ILE A 95 10.66 5.35 2.24
C ILE A 95 11.66 6.25 1.52
N ASP A 96 11.38 6.67 0.28
CA ASP A 96 12.38 7.38 -0.54
C ASP A 96 12.06 8.88 -0.54
N SER A 97 12.91 9.67 0.13
CA SER A 97 12.69 11.12 0.24
C SER A 97 12.66 11.81 -1.11
N ARG A 98 13.35 11.27 -2.11
CA ARG A 98 13.32 11.90 -3.43
C ARG A 98 11.94 11.77 -4.09
N LEU A 99 11.29 10.62 -3.90
CA LEU A 99 9.95 10.43 -4.42
C LEU A 99 8.94 11.28 -3.66
N ILE A 100 9.14 11.45 -2.35
CA ILE A 100 8.25 12.30 -1.57
C ILE A 100 8.36 13.75 -2.03
N HIS A 101 9.59 14.23 -2.24
CA HIS A 101 9.74 15.59 -2.76
C HIS A 101 9.04 15.73 -4.12
N SER A 102 9.17 14.71 -4.97
CA SER A 102 8.46 14.73 -6.25
C SER A 102 6.96 14.80 -6.05
N ALA A 103 6.44 14.00 -5.10
CA ALA A 103 5.01 13.97 -4.83
C ALA A 103 4.50 15.34 -4.41
N ARG A 104 5.28 16.05 -3.60
CA ARG A 104 4.90 17.40 -3.19
C ARG A 104 4.90 18.35 -4.37
N GLN A 105 5.81 18.17 -5.32
CA GLN A 105 5.82 18.98 -6.52
C GLN A 105 4.77 18.54 -7.53
N ASN A 106 4.16 17.36 -7.37
CA ASN A 106 3.10 16.95 -8.27
C ASN A 106 1.73 17.50 -7.90
N ILE A 107 1.57 18.03 -6.68
CA ILE A 107 0.28 18.53 -6.21
C ILE A 107 -0.30 19.54 -7.19
N ARG A 108 0.54 20.43 -7.73
CA ARG A 108 0.05 21.48 -8.63
C ARG A 108 -0.57 20.93 -9.91
N HIS A 109 -0.27 19.68 -10.28
CA HIS A 109 -0.84 19.09 -11.48
C HIS A 109 -2.27 18.61 -11.26
N TYR A 110 -2.77 18.70 -10.04
CA TYR A 110 -4.11 18.24 -9.72
C TYR A 110 -5.02 19.39 -9.29
N LEU A 111 -4.53 20.62 -9.33
CA LEU A 111 -5.35 21.78 -9.07
C LEU A 111 -6.25 22.10 -10.25
N SER A 167 -11.61 20.65 4.96
CA SER A 167 -10.41 20.60 4.15
C SER A 167 -10.70 20.10 2.74
N VAL A 168 -10.60 21.02 1.78
CA VAL A 168 -10.72 20.73 0.37
C VAL A 168 -9.31 20.57 -0.20
N PHE A 169 -9.19 19.75 -1.24
CA PHE A 169 -7.90 19.60 -1.90
C PHE A 169 -7.38 20.96 -2.35
N PRO A 170 -6.10 21.27 -2.16
CA PRO A 170 -4.96 20.44 -1.75
C PRO A 170 -4.68 20.36 -0.26
N ASN A 171 -5.55 20.99 0.55
CA ASN A 171 -5.28 21.07 1.99
C ASN A 171 -5.48 19.74 2.70
N ASN A 172 -6.11 18.76 2.07
CA ASN A 172 -6.39 17.48 2.69
C ASN A 172 -5.30 16.43 2.48
N VAL A 173 -4.18 16.79 1.85
CA VAL A 173 -3.15 15.80 1.52
C VAL A 173 -1.81 16.27 2.06
N VAL A 174 -1.05 15.32 2.62
CA VAL A 174 0.29 15.57 3.10
C VAL A 174 1.14 14.33 2.76
N PHE A 175 2.44 14.54 2.60
CA PHE A 175 3.38 13.47 2.32
C PHE A 175 4.44 13.41 3.41
N VAL A 176 4.96 12.21 3.64
CA VAL A 176 5.89 11.93 4.72
C VAL A 176 6.89 10.91 4.22
N THR A 177 8.17 11.12 4.55
CA THR A 177 9.22 10.15 4.27
C THR A 177 9.37 9.24 5.50
N GLY A 178 9.39 7.93 5.27
CA GLY A 178 9.52 7.00 6.38
C GLY A 178 9.44 5.56 5.91
N ASN A 179 10.02 4.70 6.74
CA ASN A 179 9.95 3.26 6.56
C ASN A 179 8.81 2.74 7.42
N TYR A 180 7.76 2.20 6.77
CA TYR A 180 6.61 1.78 7.56
C TYR A 180 6.88 0.53 8.40
N VAL A 181 7.91 -0.25 8.07
CA VAL A 181 8.24 -1.49 8.75
C VAL A 181 9.00 -1.17 10.03
N LEU A 182 8.51 -1.65 11.17
CA LEU A 182 9.07 -1.28 12.46
C LEU A 182 10.10 -2.30 12.94
N ASP A 183 11.12 -1.79 13.65
CA ASP A 183 12.28 -2.60 14.03
C ASP A 183 11.92 -3.71 15.01
N ARG A 184 10.98 -3.47 15.92
CA ARG A 184 10.67 -4.43 16.97
C ARG A 184 9.18 -4.73 17.00
N ASP A 185 8.83 -5.94 17.46
CA ASP A 185 7.43 -6.29 17.67
C ASP A 185 6.79 -5.47 18.78
N ASP A 186 7.59 -4.92 19.70
CA ASP A 186 7.03 -4.05 20.74
C ASP A 186 6.54 -2.73 20.15
N LEU A 187 7.28 -2.17 19.19
CA LEU A 187 6.85 -0.96 18.51
C LEU A 187 5.58 -1.19 17.71
N VAL A 188 5.44 -2.38 17.12
CA VAL A 188 4.35 -2.68 16.19
C VAL A 188 3.01 -2.82 16.92
N GLU A 189 3.04 -3.27 18.19
CA GLU A 189 1.83 -3.43 19.00
C GLU A 189 1.47 -2.18 19.80
N ALA A 190 2.28 -1.12 19.73
CA ALA A 190 1.97 0.14 20.40
C ALA A 190 1.28 1.15 19.48
N GLN A 191 1.07 0.80 18.22
CA GLN A 191 0.40 1.70 17.28
C GLN A 191 -1.04 1.96 17.70
N THR A 192 -1.46 3.25 17.61
CA THR A 192 -2.78 3.73 17.97
C THR A 192 -3.62 4.02 16.72
N PRO A 193 -4.94 3.78 16.74
CA PRO A 193 -5.74 3.93 15.53
C PRO A 193 -5.84 5.40 15.11
N GLU A 194 -5.70 5.63 13.80
CA GLU A 194 -5.73 7.00 13.29
C GLU A 194 -6.36 7.10 11.91
N TYR A 195 -6.63 5.96 11.27
CA TYR A 195 -7.09 5.97 9.89
C TYR A 195 -8.36 5.14 9.76
N ASP A 196 -9.22 5.56 8.82
CA ASP A 196 -10.37 4.76 8.41
C ASP A 196 -10.05 3.85 7.23
N VAL A 197 -9.00 4.16 6.49
CA VAL A 197 -8.61 3.45 5.27
C VAL A 197 -7.10 3.44 5.22
N VAL A 198 -6.51 2.26 5.00
CA VAL A 198 -5.09 2.17 4.65
C VAL A 198 -4.98 1.52 3.27
N LEU A 199 -4.26 2.19 2.37
CA LEU A 199 -3.95 1.66 1.03
C LEU A 199 -2.58 1.00 1.07
N CYS A 200 -2.52 -0.26 0.65
CA CYS A 200 -1.25 -1.01 0.60
C CYS A 200 -1.19 -1.63 -0.78
N LEU A 201 -0.86 -0.81 -1.78
CA LEU A 201 -0.98 -1.18 -3.17
C LEU A 201 0.41 -1.37 -3.76
N SER A 202 0.66 -2.57 -4.29
CA SER A 202 1.91 -2.88 -4.97
C SER A 202 3.12 -2.64 -4.07
N LEU A 203 2.95 -2.93 -2.78
CA LEU A 203 4.00 -2.73 -1.79
C LEU A 203 4.50 -4.01 -1.17
N THR A 204 3.65 -5.05 -1.08
CA THR A 204 3.99 -6.22 -0.27
C THR A 204 5.26 -6.90 -0.77
N LYS A 205 5.42 -7.00 -2.09
CA LYS A 205 6.60 -7.66 -2.64
C LYS A 205 7.87 -6.99 -2.13
N TRP A 206 7.88 -5.65 -2.10
CA TRP A 206 9.11 -4.94 -1.74
C TRP A 206 9.38 -5.02 -0.25
N VAL A 207 8.33 -4.95 0.57
CA VAL A 207 8.53 -5.15 1.99
C VAL A 207 9.00 -6.57 2.24
N HIS A 208 8.37 -7.53 1.56
CA HIS A 208 8.69 -8.95 1.70
C HIS A 208 10.17 -9.23 1.34
N LEU A 209 10.62 -8.72 0.19
CA LEU A 209 11.99 -8.95 -0.24
C LEU A 209 12.99 -8.25 0.67
N ASN A 210 12.67 -7.06 1.15
CA ASN A 210 13.67 -6.31 1.90
C ASN A 210 13.70 -6.67 3.37
N TRP A 211 12.57 -7.05 3.95
CA TRP A 211 12.54 -7.32 5.38
C TRP A 211 11.98 -8.69 5.72
N GLY A 212 11.82 -9.57 4.71
CA GLY A 212 11.40 -10.95 4.95
C GLY A 212 9.97 -11.09 5.42
N ASP A 213 9.60 -12.34 5.73
CA ASP A 213 8.31 -12.62 6.34
C ASP A 213 8.10 -11.76 7.59
N GLU A 214 9.14 -11.64 8.43
CA GLU A 214 9.01 -10.90 9.69
C GLU A 214 8.66 -9.45 9.43
N GLY A 215 9.30 -8.82 8.44
CA GLY A 215 8.99 -7.44 8.12
C GLY A 215 7.60 -7.28 7.52
N LEU A 216 7.20 -8.21 6.66
CA LEU A 216 5.85 -8.17 6.08
C LEU A 216 4.78 -8.30 7.16
N LYS A 217 4.97 -9.23 8.10
CA LYS A 217 3.98 -9.42 9.16
C LYS A 217 3.91 -8.21 10.09
N ARG A 218 5.06 -7.59 10.40
CA ARG A 218 5.04 -6.35 11.16
C ARG A 218 4.22 -5.29 10.44
N MET A 219 4.39 -5.16 9.13
CA MET A 219 3.58 -4.20 8.39
C MET A 219 2.11 -4.55 8.50
N PHE A 220 1.76 -5.83 8.31
CA PHE A 220 0.36 -6.23 8.38
C PHE A 220 -0.23 -5.95 9.77
N ARG A 221 0.52 -6.30 10.83
CA ARG A 221 -0.01 -6.05 12.17
C ARG A 221 -0.12 -4.56 12.44
N ARG A 222 0.83 -3.77 11.92
CA ARG A 222 0.80 -2.34 12.18
C ARG A 222 -0.39 -1.67 11.48
N ILE A 223 -0.67 -2.09 10.24
CA ILE A 223 -1.85 -1.59 9.53
C ILE A 223 -3.11 -1.80 10.36
N TYR A 224 -3.31 -3.03 10.84
CA TYR A 224 -4.49 -3.32 11.63
C TYR A 224 -4.57 -2.43 12.86
N ARG A 225 -3.44 -2.26 13.57
CA ARG A 225 -3.47 -1.43 14.78
C ARG A 225 -3.72 0.03 14.43
N HIS A 226 -3.31 0.47 13.24
CA HIS A 226 -3.50 1.85 12.83
C HIS A 226 -4.92 2.13 12.33
N LEU A 227 -5.75 1.11 12.16
CA LEU A 227 -7.11 1.30 11.68
C LEU A 227 -8.08 1.43 12.85
N ARG A 228 -9.04 2.33 12.69
CA ARG A 228 -10.14 2.40 13.63
C ARG A 228 -11.07 1.22 13.43
N PRO A 229 -11.86 0.86 14.45
CA PRO A 229 -12.98 -0.07 14.21
C PRO A 229 -13.80 0.39 13.02
N GLY A 230 -14.20 -0.56 12.18
CA GLY A 230 -14.87 -0.22 10.94
C GLY A 230 -13.95 0.15 9.79
N GLY A 231 -12.64 0.22 10.02
CA GLY A 231 -11.71 0.59 8.98
C GLY A 231 -11.51 -0.52 7.96
N ILE A 232 -10.85 -0.16 6.86
CA ILE A 232 -10.59 -1.06 5.75
C ILE A 232 -9.14 -0.95 5.32
N LEU A 233 -8.54 -2.10 5.04
CA LEU A 233 -7.29 -2.20 4.32
C LEU A 233 -7.61 -2.55 2.86
N VAL A 234 -7.09 -1.76 1.93
CA VAL A 234 -7.14 -2.06 0.51
C VAL A 234 -5.79 -2.67 0.15
N LEU A 235 -5.79 -3.94 -0.23
CA LEU A 235 -4.54 -4.65 -0.48
C LEU A 235 -4.46 -5.04 -1.95
N GLU A 236 -3.35 -4.67 -2.60
CA GLU A 236 -3.05 -5.11 -3.97
C GLU A 236 -1.68 -5.75 -3.94
N PRO A 237 -1.61 -7.07 -3.74
CA PRO A 237 -0.32 -7.76 -3.62
C PRO A 237 0.17 -8.31 -4.95
N GLN A 238 1.49 -8.28 -5.14
CA GLN A 238 2.11 -8.91 -6.30
C GLN A 238 2.14 -10.43 -6.11
N PRO A 239 2.06 -11.19 -7.20
CA PRO A 239 2.12 -12.65 -7.09
C PRO A 239 3.55 -13.11 -6.87
N TRP A 240 3.68 -14.31 -6.28
CA TRP A 240 5.00 -14.84 -5.97
C TRP A 240 5.84 -15.01 -7.24
N SER A 241 5.20 -15.39 -8.35
CA SER A 241 5.91 -15.61 -9.62
C SER A 241 6.69 -14.38 -10.06
N SER A 242 6.33 -13.19 -9.59
CA SER A 242 7.01 -11.98 -10.00
C SER A 242 8.16 -11.56 -9.07
N TYR A 243 8.37 -12.25 -7.95
CA TYR A 243 9.48 -11.89 -7.06
C TYR A 243 10.84 -12.27 -7.65
N GLY A 244 10.93 -13.45 -8.29
CA GLY A 244 12.23 -14.04 -8.58
C GLY A 244 13.13 -13.15 -9.42
N LYS A 245 12.55 -12.39 -10.34
CA LYS A 245 13.41 -11.60 -11.22
C LYS A 245 14.06 -10.42 -10.49
N ARG A 246 13.67 -10.16 -9.24
CA ARG A 246 14.30 -9.10 -8.46
C ARG A 246 15.23 -9.64 -7.39
N LYS A 247 15.39 -10.96 -7.28
CA LYS A 247 16.04 -11.53 -6.11
C LYS A 247 17.51 -11.17 -6.02
N THR A 248 18.16 -10.81 -7.14
CA THR A 248 19.60 -10.52 -7.08
C THR A 248 19.91 -9.05 -6.83
N LEU A 249 18.90 -8.20 -6.58
CA LEU A 249 19.17 -6.78 -6.36
C LEU A 249 20.19 -6.56 -5.25
N THR A 250 20.07 -7.27 -4.12
CA THR A 250 21.07 -7.19 -3.04
C THR A 250 21.19 -8.56 -2.40
N GLU A 251 22.29 -8.78 -1.67
CA GLU A 251 22.47 -10.05 -0.98
C GLU A 251 21.37 -10.28 0.07
N THR A 252 20.89 -9.20 0.71
CA THR A 252 19.85 -9.34 1.72
C THR A 252 18.53 -9.73 1.08
N ILE A 253 18.22 -9.09 -0.05
CA ILE A 253 17.03 -9.45 -0.80
C ILE A 253 17.11 -10.89 -1.24
N TYR A 254 18.26 -11.30 -1.80
CA TYR A 254 18.48 -12.68 -2.22
C TYR A 254 18.27 -13.62 -1.04
N LYS A 255 18.88 -13.29 0.09
CA LYS A 255 18.74 -14.12 1.28
C LYS A 255 17.27 -14.25 1.68
N ASN A 256 16.54 -13.12 1.69
CA ASN A 256 15.13 -13.16 2.09
C ASN A 256 14.29 -13.98 1.12
N TYR A 257 14.57 -13.83 -0.19
CA TYR A 257 13.80 -14.57 -1.20
C TYR A 257 13.75 -16.05 -0.87
N TYR A 258 14.89 -16.63 -0.53
CA TYR A 258 14.94 -18.06 -0.26
C TYR A 258 14.59 -18.42 1.17
N ARG A 259 14.30 -17.45 2.03
CA ARG A 259 13.76 -17.75 3.34
C ARG A 259 12.25 -17.56 3.43
N ILE A 260 11.63 -16.87 2.48
CA ILE A 260 10.21 -16.55 2.58
C ILE A 260 9.38 -17.82 2.63
N GLN A 261 8.51 -17.93 3.65
CA GLN A 261 7.56 -19.02 3.75
C GLN A 261 6.10 -18.57 3.73
N LEU A 262 5.80 -17.31 4.06
CA LEU A 262 4.43 -16.79 3.92
C LEU A 262 4.30 -16.25 2.51
N LYS A 263 3.70 -17.02 1.64
CA LYS A 263 3.52 -16.60 0.25
C LYS A 263 2.25 -15.76 0.09
N PRO A 264 2.20 -14.95 -0.98
CA PRO A 264 0.97 -14.18 -1.28
C PRO A 264 -0.31 -14.99 -1.23
N GLU A 265 -0.30 -16.25 -1.67
CA GLU A 265 -1.50 -17.07 -1.61
C GLU A 265 -1.99 -17.27 -0.17
N GLN A 266 -1.14 -17.03 0.83
CA GLN A 266 -1.54 -17.17 2.22
C GLN A 266 -1.78 -15.83 2.93
N PHE A 267 -1.67 -14.69 2.24
CA PHE A 267 -1.86 -13.39 2.87
C PHE A 267 -3.25 -13.27 3.50
N SER A 268 -4.29 -13.69 2.77
CA SER A 268 -5.66 -13.52 3.26
C SER A 268 -5.87 -14.26 4.57
N SER A 269 -5.44 -15.51 4.63
CA SER A 269 -5.56 -16.29 5.86
C SER A 269 -4.77 -15.65 6.99
N TYR A 270 -3.57 -15.12 6.70
CA TYR A 270 -2.78 -14.51 7.77
C TYR A 270 -3.46 -13.24 8.28
N LEU A 271 -3.92 -12.39 7.37
CA LEU A 271 -4.54 -11.12 7.77
C LEU A 271 -5.80 -11.33 8.62
N THR A 272 -6.53 -12.42 8.38
CA THR A 272 -7.75 -12.71 9.14
C THR A 272 -7.51 -13.70 10.28
N SER A 273 -6.26 -14.06 10.54
CA SER A 273 -5.93 -14.90 11.69
C SER A 273 -5.80 -14.03 12.95
N PRO A 274 -5.78 -14.64 14.14
CA PRO A 274 -5.69 -13.81 15.36
C PRO A 274 -4.40 -13.03 15.46
N ASP A 275 -3.36 -13.40 14.70
CA ASP A 275 -2.11 -12.64 14.68
C ASP A 275 -2.29 -11.23 14.12
N VAL A 276 -3.35 -10.98 13.35
CA VAL A 276 -3.59 -9.65 12.79
C VAL A 276 -4.98 -9.22 13.23
N GLY A 277 -6.02 -9.87 12.72
CA GLY A 277 -7.35 -9.73 13.30
C GLY A 277 -8.46 -9.21 12.43
N PHE A 278 -8.19 -8.99 11.14
CA PHE A 278 -9.26 -8.58 10.22
C PHE A 278 -10.37 -9.61 10.22
N SER A 279 -11.62 -9.15 10.28
CA SER A 279 -12.75 -10.03 10.52
C SER A 279 -13.40 -10.55 9.25
N SER A 280 -13.11 -9.98 8.09
CA SER A 280 -13.66 -10.46 6.83
C SER A 280 -12.88 -9.82 5.70
N TYR A 281 -13.04 -10.38 4.50
CA TYR A 281 -12.41 -9.75 3.35
C TYR A 281 -13.14 -10.13 2.08
N GLU A 282 -12.89 -9.36 1.03
CA GLU A 282 -13.50 -9.60 -0.26
C GLU A 282 -12.52 -9.27 -1.37
N LEU A 283 -12.62 -10.04 -2.45
CA LEU A 283 -11.91 -9.70 -3.69
C LEU A 283 -12.78 -8.68 -4.42
N VAL A 284 -12.27 -7.46 -4.58
CA VAL A 284 -13.08 -6.41 -5.20
C VAL A 284 -13.15 -6.62 -6.71
N ALA A 285 -11.99 -6.68 -7.37
CA ALA A 285 -11.90 -6.91 -8.81
C ALA A 285 -10.41 -6.98 -9.16
N THR A 286 -10.14 -7.30 -10.42
CA THR A 286 -8.80 -7.16 -10.99
C THR A 286 -8.83 -6.06 -12.04
N PRO A 287 -8.23 -4.90 -11.78
CA PRO A 287 -8.28 -3.79 -12.75
C PRO A 287 -7.64 -4.17 -14.06
N HIS A 288 -8.00 -3.43 -15.11
CA HIS A 288 -7.34 -3.61 -16.40
CA HIS A 288 -7.36 -3.59 -16.41
C HIS A 288 -6.09 -2.75 -16.45
N ASN A 289 -5.09 -3.25 -17.16
CA ASN A 289 -3.86 -2.51 -17.42
C ASN A 289 -3.31 -2.99 -18.75
N THR A 290 -2.57 -2.10 -19.42
CA THR A 290 -1.97 -2.44 -20.71
C THR A 290 -1.08 -3.68 -20.61
N SER A 291 -0.45 -3.88 -19.45
CA SER A 291 0.44 -5.01 -19.23
C SER A 291 -0.23 -6.00 -18.29
N LYS A 292 -0.19 -7.28 -18.65
CA LYS A 292 -0.75 -8.32 -17.78
C LYS A 292 -0.03 -8.33 -16.43
N GLY A 293 1.25 -7.97 -16.40
CA GLY A 293 2.02 -7.94 -15.15
C GLY A 293 1.49 -6.96 -14.12
N PHE A 294 0.65 -6.00 -14.53
CA PHE A 294 0.05 -5.07 -13.59
C PHE A 294 -1.42 -5.38 -13.29
N GLN A 295 -1.97 -6.46 -13.85
CA GLN A 295 -3.34 -6.87 -13.55
C GLN A 295 -3.33 -7.72 -12.29
N ARG A 296 -3.37 -7.03 -11.14
CA ARG A 296 -3.29 -7.68 -9.84
C ARG A 296 -4.61 -7.57 -9.10
N PRO A 297 -5.02 -8.61 -8.36
CA PRO A 297 -6.27 -8.52 -7.59
C PRO A 297 -6.23 -7.41 -6.55
N VAL A 298 -7.38 -6.76 -6.34
CA VAL A 298 -7.54 -5.77 -5.29
C VAL A 298 -8.48 -6.36 -4.24
N TYR A 299 -7.99 -6.44 -3.01
CA TYR A 299 -8.75 -6.99 -1.88
C TYR A 299 -9.15 -5.87 -0.94
N LEU A 300 -10.28 -6.09 -0.26
CA LEU A 300 -10.74 -5.22 0.81
C LEU A 300 -10.78 -6.06 2.08
N PHE A 301 -10.00 -5.66 3.09
CA PHE A 301 -9.98 -6.31 4.39
C PHE A 301 -10.68 -5.39 5.40
N HIS A 302 -11.65 -5.95 6.14
CA HIS A 302 -12.50 -5.16 7.02
C HIS A 302 -12.09 -5.35 8.47
N LYS A 303 -11.95 -4.25 9.20
CA LYS A 303 -11.79 -4.30 10.64
C LYS A 303 -13.17 -4.11 11.27
N ALA A 304 -13.54 -5.02 12.18
CA ALA A 304 -14.90 -5.05 12.69
C ALA A 304 -15.23 -3.78 13.45
N ARG A 305 -16.50 -3.37 13.36
CA ARG A 305 -16.95 -2.19 14.09
C ARG A 305 -17.11 -2.47 15.58
N SER A 306 -17.52 -3.66 15.96
CA SER A 306 -17.65 -3.94 17.37
C SER A 306 -16.29 -4.22 17.99
N PRO A 307 -16.13 -3.98 19.31
CA PRO A 307 -14.87 -4.32 19.98
C PRO A 307 -14.62 -5.83 20.04
#